data_1XQX
#
_entry.id   1XQX
#
_cell.length_a   52.270
_cell.length_b   60.520
_cell.length_c   79.970
_cell.angle_alpha   90.00
_cell.angle_beta   90.00
_cell.angle_gamma   90.00
#
_symmetry.space_group_name_H-M   'P 21 21 21'
#
loop_
_entity.id
_entity.type
_entity.pdbx_description
1 polymer 'Proline iminopeptidase'
2 non-polymer PHENYLALANYLMETHYLCHLORIDE
3 water water
#
_entity_poly.entity_id   1
_entity_poly.type   'polypeptide(L)'
_entity_poly.pdbx_seq_one_letter_code
;MDQECIENYAKVNGIYIYYKLCKAPEEKAKLMTMHGGPGMSHDYLLSLRDMTKEGITVLFYDQFGCGRSEEPDQSKFTID
YGVEEAEALRSKLFGNEKVFLMGSAYGGALALAYAVKYQDHLKGLIVSGGLSSVPLTVKEMNRLIDELPAKYRDAIKKYG
SSGSYENPEYQEAVNYFYHQHLLRSEDWPPEVLKSLEYAERRNVYRIMNGPNEFTITGTIKDWDITDKISAIKIPTLITV
GEYDEVTPNVARVIHEKIAGSELHVFRDCSHLTMWEDREGYNKLLSDFILKHL
;
_entity_poly.pdbx_strand_id   A
#
# COMPACT_ATOMS: atom_id res chain seq x y z
N GLU A 4 19.83 -4.19 -12.66
CA GLU A 4 18.70 -4.67 -13.51
C GLU A 4 18.07 -5.92 -12.89
N CYS A 5 16.79 -5.82 -12.54
CA CYS A 5 16.07 -6.93 -11.95
C CYS A 5 15.44 -7.82 -13.03
N ILE A 6 15.03 -9.02 -12.64
CA ILE A 6 14.41 -9.95 -13.58
C ILE A 6 12.92 -9.64 -13.70
N GLU A 7 12.46 -9.40 -14.93
CA GLU A 7 11.06 -9.09 -15.18
C GLU A 7 10.43 -10.20 -16.00
N ASN A 8 9.20 -10.56 -15.67
CA ASN A 8 8.52 -11.63 -16.38
C ASN A 8 7.03 -11.64 -16.04
N TYR A 9 6.28 -12.45 -16.76
CA TYR A 9 4.85 -12.61 -16.55
C TYR A 9 4.65 -13.95 -15.87
N ALA A 10 3.75 -13.99 -14.89
CA ALA A 10 3.46 -15.25 -14.20
C ALA A 10 1.95 -15.51 -14.23
N LYS A 11 1.57 -16.69 -14.69
CA LYS A 11 0.16 -17.05 -14.75
C LYS A 11 -0.27 -17.65 -13.41
N VAL A 12 -1.03 -16.88 -12.64
CA VAL A 12 -1.47 -17.36 -11.34
C VAL A 12 -2.83 -18.07 -11.37
N ASN A 13 -3.89 -17.31 -11.16
CA ASN A 13 -5.23 -17.89 -11.12
C ASN A 13 -5.91 -17.80 -12.47
N GLY A 14 -5.18 -18.12 -13.52
CA GLY A 14 -5.72 -18.07 -14.87
C GLY A 14 -5.38 -16.81 -15.63
N ILE A 15 -4.71 -15.87 -14.98
CA ILE A 15 -4.34 -14.63 -15.64
C ILE A 15 -2.84 -14.37 -15.55
N TYR A 16 -2.36 -13.44 -16.35
CA TYR A 16 -0.94 -13.12 -16.37
C TYR A 16 -0.63 -11.93 -15.49
N ILE A 17 0.12 -12.20 -14.43
CA ILE A 17 0.52 -11.18 -13.47
C ILE A 17 2.00 -10.80 -13.63
N TYR A 18 2.27 -9.51 -13.84
CA TYR A 18 3.64 -9.02 -13.99
C TYR A 18 4.35 -8.87 -12.65
N TYR A 19 5.61 -9.30 -12.59
CA TYR A 19 6.38 -9.16 -11.38
C TYR A 19 7.83 -8.82 -11.70
N LYS A 20 8.47 -8.09 -10.79
CA LYS A 20 9.86 -7.69 -10.96
C LYS A 20 10.60 -8.12 -9.70
N LEU A 21 11.57 -9.00 -9.87
CA LEU A 21 12.35 -9.53 -8.76
C LEU A 21 13.80 -9.03 -8.73
N CYS A 22 14.14 -8.30 -7.68
CA CYS A 22 15.49 -7.78 -7.52
C CYS A 22 16.10 -8.51 -6.33
N LYS A 23 17.12 -9.34 -6.58
CA LYS A 23 17.74 -10.09 -5.49
C LYS A 23 19.25 -9.94 -5.42
N ALA A 24 19.84 -10.53 -4.37
CA ALA A 24 21.30 -10.53 -4.16
C ALA A 24 21.87 -9.12 -4.13
N PRO A 25 23.17 -8.98 -3.83
CA PRO A 25 24.16 -10.04 -3.53
C PRO A 25 24.04 -10.58 -2.10
N GLU A 26 24.43 -11.83 -1.92
CA GLU A 26 24.39 -12.48 -0.62
C GLU A 26 23.03 -12.34 0.06
N GLU A 27 21.98 -12.72 -0.64
CA GLU A 27 20.63 -12.64 -0.11
C GLU A 27 20.48 -13.22 1.30
N LYS A 28 20.02 -12.38 2.23
CA LYS A 28 19.81 -12.79 3.61
C LYS A 28 18.32 -13.02 3.82
N ALA A 29 17.49 -12.45 2.94
CA ALA A 29 16.05 -12.63 3.05
C ALA A 29 15.30 -12.13 1.81
N LYS A 30 14.06 -12.58 1.69
CA LYS A 30 13.19 -12.19 0.58
C LYS A 30 12.07 -11.31 1.12
N LEU A 31 11.69 -10.31 0.32
CA LEU A 31 10.64 -9.39 0.71
C LEU A 31 9.57 -9.23 -0.36
N MET A 32 8.37 -9.73 -0.10
CA MET A 32 7.26 -9.57 -1.05
C MET A 32 6.71 -8.19 -0.75
N THR A 33 6.30 -7.46 -1.78
CA THR A 33 5.77 -6.14 -1.58
C THR A 33 4.39 -6.01 -2.24
N MET A 34 3.51 -5.28 -1.59
CA MET A 34 2.16 -5.06 -2.08
C MET A 34 1.87 -3.57 -2.20
N HIS A 35 1.86 -3.07 -3.43
CA HIS A 35 1.58 -1.67 -3.68
C HIS A 35 0.15 -1.36 -3.22
N GLY A 36 -0.16 -0.08 -3.16
CA GLY A 36 -1.47 0.37 -2.73
C GLY A 36 -2.49 0.62 -3.83
N GLY A 37 -3.46 1.47 -3.54
CA GLY A 37 -4.49 1.75 -4.52
C GLY A 37 -5.83 1.72 -3.81
N PRO A 38 -6.65 0.66 -4.01
CA PRO A 38 -6.34 -0.48 -4.89
C PRO A 38 -6.28 0.01 -6.34
N GLY A 39 -5.41 -0.59 -7.15
CA GLY A 39 -5.37 -0.16 -8.53
C GLY A 39 -4.17 0.64 -9.01
N MET A 40 -3.18 0.86 -8.13
CA MET A 40 -1.98 1.57 -8.54
C MET A 40 -0.99 0.59 -9.20
N SER A 41 0.27 0.59 -8.77
CA SER A 41 1.27 -0.29 -9.32
C SER A 41 2.50 -0.34 -8.40
N HIS A 42 3.40 -1.29 -8.67
CA HIS A 42 4.61 -1.48 -7.89
C HIS A 42 5.59 -0.33 -8.08
N ASP A 43 5.43 0.40 -9.18
CA ASP A 43 6.34 1.50 -9.53
C ASP A 43 6.72 2.45 -8.41
N TYR A 44 5.74 2.97 -7.68
CA TYR A 44 6.05 3.91 -6.61
C TYR A 44 6.74 3.27 -5.41
N LEU A 45 6.82 1.94 -5.38
CA LEU A 45 7.52 1.23 -4.30
C LEU A 45 8.96 0.92 -4.69
N LEU A 46 9.37 1.34 -5.88
CA LEU A 46 10.73 1.05 -6.35
C LEU A 46 11.90 1.55 -5.50
N SER A 47 11.71 2.59 -4.70
CA SER A 47 12.80 3.10 -3.87
C SER A 47 13.27 2.06 -2.86
N LEU A 48 12.40 1.08 -2.57
CA LEU A 48 12.75 0.02 -1.63
C LEU A 48 13.85 -0.86 -2.22
N ARG A 49 14.16 -0.63 -3.48
CA ARG A 49 15.20 -1.39 -4.16
C ARG A 49 16.55 -1.18 -3.45
N ASP A 50 16.64 -0.11 -2.66
CA ASP A 50 17.86 0.22 -1.95
C ASP A 50 18.23 -0.85 -0.92
N MET A 51 17.29 -1.73 -0.61
CA MET A 51 17.54 -2.78 0.38
C MET A 51 18.19 -4.04 -0.16
N THR A 52 18.47 -4.04 -1.46
CA THR A 52 19.13 -5.18 -2.08
C THR A 52 20.60 -5.15 -1.68
N LYS A 53 21.12 -3.95 -1.47
CA LYS A 53 22.52 -3.77 -1.08
C LYS A 53 22.67 -3.97 0.42
N GLU A 54 21.59 -4.39 1.07
CA GLU A 54 21.58 -4.66 2.49
C GLU A 54 21.35 -6.16 2.65
N GLY A 55 21.39 -6.89 1.54
CA GLY A 55 21.16 -8.33 1.55
C GLY A 55 19.69 -8.72 1.46
N ILE A 56 18.83 -7.76 1.17
CA ILE A 56 17.40 -8.04 1.06
C ILE A 56 16.94 -8.17 -0.39
N THR A 57 16.39 -9.35 -0.71
CA THR A 57 15.87 -9.61 -2.05
C THR A 57 14.44 -9.08 -2.07
N VAL A 58 14.18 -8.12 -2.95
CA VAL A 58 12.85 -7.52 -3.05
C VAL A 58 12.03 -7.98 -4.25
N LEU A 59 10.80 -8.37 -4.00
CA LEU A 59 9.88 -8.83 -5.05
C LEU A 59 8.74 -7.85 -5.24
N PHE A 60 8.63 -7.29 -6.44
CA PHE A 60 7.58 -6.35 -6.77
C PHE A 60 6.66 -7.04 -7.73
N TYR A 61 5.41 -6.62 -7.78
CA TYR A 61 4.47 -7.20 -8.72
C TYR A 61 3.19 -6.38 -8.81
N ASP A 62 2.64 -6.27 -10.02
CA ASP A 62 1.39 -5.55 -10.24
C ASP A 62 0.22 -6.52 -9.92
N GLN A 63 -0.63 -6.18 -8.97
CA GLN A 63 -1.76 -7.03 -8.59
C GLN A 63 -2.72 -7.11 -9.76
N PHE A 64 -3.71 -8.01 -9.67
CA PHE A 64 -4.70 -8.19 -10.73
C PHE A 64 -5.28 -6.85 -11.22
N GLY A 65 -5.33 -6.70 -12.54
CA GLY A 65 -5.85 -5.50 -13.15
C GLY A 65 -5.02 -4.24 -12.95
N CYS A 66 -3.80 -4.36 -12.43
CA CYS A 66 -2.94 -3.19 -12.19
C CYS A 66 -1.71 -3.15 -13.05
N GLY A 67 -1.25 -1.94 -13.31
CA GLY A 67 -0.05 -1.72 -14.10
C GLY A 67 0.05 -2.49 -15.40
N ARG A 68 0.84 -3.55 -15.39
CA ARG A 68 1.07 -4.36 -16.57
C ARG A 68 0.36 -5.71 -16.50
N SER A 69 -0.25 -6.00 -15.35
CA SER A 69 -0.95 -7.26 -15.17
C SER A 69 -2.36 -7.19 -15.75
N GLU A 70 -2.87 -8.32 -16.23
CA GLU A 70 -4.21 -8.31 -16.80
C GLU A 70 -5.24 -8.42 -15.69
N GLU A 71 -6.49 -8.01 -15.96
CA GLU A 71 -7.52 -8.08 -14.94
C GLU A 71 -8.46 -9.27 -15.11
N PRO A 72 -8.90 -9.85 -14.00
CA PRO A 72 -9.81 -11.00 -14.08
C PRO A 72 -11.25 -10.49 -14.24
N ASP A 73 -12.21 -11.39 -14.04
CA ASP A 73 -13.62 -11.03 -14.12
C ASP A 73 -13.85 -10.01 -13.01
N GLN A 74 -14.68 -9.00 -13.27
CA GLN A 74 -14.97 -7.97 -12.27
C GLN A 74 -15.42 -8.55 -10.95
N SER A 75 -15.98 -9.76 -10.98
CA SER A 75 -16.46 -10.41 -9.75
C SER A 75 -15.32 -10.75 -8.81
N LYS A 76 -14.08 -10.71 -9.31
CA LYS A 76 -12.90 -11.01 -8.51
C LYS A 76 -12.14 -9.75 -8.10
N PHE A 77 -12.80 -8.59 -8.14
CA PHE A 77 -12.15 -7.35 -7.73
C PHE A 77 -12.29 -7.18 -6.24
N THR A 78 -11.76 -8.13 -5.49
CA THR A 78 -11.87 -8.11 -4.04
C THR A 78 -10.51 -8.34 -3.38
N ILE A 79 -10.43 -8.00 -2.09
CA ILE A 79 -9.22 -8.22 -1.32
C ILE A 79 -8.95 -9.73 -1.13
N ASP A 80 -10.02 -10.51 -0.93
CA ASP A 80 -9.86 -11.95 -0.73
C ASP A 80 -9.18 -12.60 -1.91
N TYR A 81 -9.53 -12.15 -3.12
CA TYR A 81 -8.91 -12.69 -4.32
C TYR A 81 -7.47 -12.20 -4.36
N GLY A 82 -7.26 -10.94 -3.98
CA GLY A 82 -5.91 -10.38 -3.97
C GLY A 82 -5.03 -11.20 -3.04
N VAL A 83 -5.63 -11.73 -1.99
CA VAL A 83 -4.89 -12.55 -1.02
C VAL A 83 -4.50 -13.87 -1.67
N GLU A 84 -5.46 -14.54 -2.31
CA GLU A 84 -5.18 -15.83 -2.95
C GLU A 84 -4.20 -15.66 -4.11
N GLU A 85 -4.27 -14.51 -4.77
CA GLU A 85 -3.38 -14.25 -5.89
C GLU A 85 -1.97 -14.13 -5.34
N ALA A 86 -1.86 -13.43 -4.22
CA ALA A 86 -0.59 -13.20 -3.56
C ALA A 86 0.09 -14.51 -3.14
N GLU A 87 -0.68 -15.37 -2.48
CA GLU A 87 -0.14 -16.65 -2.03
C GLU A 87 0.28 -17.50 -3.22
N ALA A 88 -0.59 -17.56 -4.22
CA ALA A 88 -0.29 -18.33 -5.42
C ALA A 88 1.03 -17.88 -6.05
N LEU A 89 1.26 -16.58 -6.08
CA LEU A 89 2.49 -16.02 -6.65
C LEU A 89 3.70 -16.41 -5.82
N ARG A 90 3.58 -16.28 -4.51
CA ARG A 90 4.67 -16.64 -3.59
C ARG A 90 5.06 -18.10 -3.79
N SER A 91 4.05 -18.97 -3.82
CA SER A 91 4.26 -20.40 -3.98
C SER A 91 5.03 -20.77 -5.24
N LYS A 92 4.48 -20.43 -6.41
CA LYS A 92 5.14 -20.77 -7.67
C LYS A 92 6.27 -19.85 -8.08
N LEU A 93 6.98 -19.31 -7.11
CA LEU A 93 8.09 -18.42 -7.40
C LEU A 93 9.18 -18.67 -6.37
N PHE A 94 8.77 -19.01 -5.15
CA PHE A 94 9.72 -19.27 -4.07
C PHE A 94 9.49 -20.63 -3.45
N GLY A 95 8.41 -21.28 -3.83
CA GLY A 95 8.09 -22.58 -3.29
C GLY A 95 7.58 -22.52 -1.87
N ASN A 96 8.18 -23.33 -0.99
CA ASN A 96 7.81 -23.39 0.41
C ASN A 96 8.49 -22.31 1.25
N GLU A 97 9.52 -21.69 0.70
CA GLU A 97 10.28 -20.66 1.40
C GLU A 97 9.39 -19.60 2.03
N LYS A 98 9.64 -19.33 3.33
CA LYS A 98 8.91 -18.31 4.08
C LYS A 98 9.47 -16.95 3.69
N VAL A 99 8.61 -15.94 3.66
CA VAL A 99 9.06 -14.62 3.27
C VAL A 99 8.48 -13.49 4.11
N PHE A 100 9.12 -12.32 4.04
CA PHE A 100 8.66 -11.12 4.72
C PHE A 100 7.69 -10.44 3.75
N LEU A 101 6.54 -9.99 4.27
CA LEU A 101 5.55 -9.32 3.42
C LEU A 101 5.39 -7.87 3.82
N MET A 102 5.57 -6.97 2.85
CA MET A 102 5.40 -5.53 3.12
C MET A 102 4.22 -4.98 2.30
N GLY A 103 3.32 -4.27 2.96
CA GLY A 103 2.18 -3.67 2.27
C GLY A 103 2.10 -2.16 2.49
N SER A 104 1.80 -1.44 1.42
CA SER A 104 1.68 0.01 1.52
C SER A 104 0.22 0.44 1.28
N ALA A 105 -0.34 1.22 2.20
CA ALA A 105 -1.73 1.69 2.10
C ALA A 105 -2.67 0.49 1.90
N TYR A 106 -3.35 0.43 0.77
CA TYR A 106 -4.23 -0.70 0.48
C TYR A 106 -3.39 -1.97 0.56
N GLY A 107 -2.14 -1.89 0.09
CA GLY A 107 -1.22 -3.03 0.15
C GLY A 107 -1.11 -3.47 1.60
N GLY A 108 -1.03 -2.52 2.52
CA GLY A 108 -0.96 -2.87 3.93
C GLY A 108 -2.22 -3.64 4.32
N ALA A 109 -3.38 -3.15 3.91
CA ALA A 109 -4.63 -3.83 4.22
C ALA A 109 -4.57 -5.26 3.68
N LEU A 110 -4.17 -5.38 2.41
CA LEU A 110 -4.03 -6.68 1.75
C LEU A 110 -3.04 -7.56 2.54
N ALA A 111 -1.88 -7.01 2.88
CA ALA A 111 -0.89 -7.76 3.66
C ALA A 111 -1.52 -8.32 4.95
N LEU A 112 -2.32 -7.52 5.63
CA LEU A 112 -2.98 -7.95 6.86
C LEU A 112 -3.95 -9.11 6.59
N ALA A 113 -4.75 -8.97 5.53
CA ALA A 113 -5.73 -10.00 5.18
C ALA A 113 -4.99 -11.27 4.83
N TYR A 114 -3.81 -11.09 4.24
CA TYR A 114 -2.95 -12.20 3.85
C TYR A 114 -2.44 -12.90 5.11
N ALA A 115 -1.83 -12.13 6.00
CA ALA A 115 -1.28 -12.67 7.24
C ALA A 115 -2.32 -13.43 8.04
N VAL A 116 -3.51 -12.85 8.16
CA VAL A 116 -4.59 -13.50 8.91
C VAL A 116 -4.80 -14.95 8.48
N LYS A 117 -4.67 -15.22 7.18
CA LYS A 117 -4.87 -16.56 6.66
C LYS A 117 -3.58 -17.34 6.40
N TYR A 118 -2.55 -16.67 5.91
CA TYR A 118 -1.28 -17.36 5.61
C TYR A 118 -0.06 -16.80 6.33
N GLN A 119 -0.18 -16.53 7.62
CA GLN A 119 0.96 -16.00 8.38
C GLN A 119 2.06 -17.04 8.57
N ASP A 120 1.70 -18.32 8.40
CA ASP A 120 2.65 -19.42 8.53
C ASP A 120 3.64 -19.47 7.36
N HIS A 121 3.39 -18.65 6.35
CA HIS A 121 4.26 -18.58 5.17
C HIS A 121 5.13 -17.34 5.28
N LEU A 122 5.07 -16.65 6.42
CA LEU A 122 5.84 -15.43 6.63
C LEU A 122 6.75 -15.43 7.85
N LYS A 123 7.80 -14.63 7.80
CA LYS A 123 8.74 -14.50 8.90
C LYS A 123 8.54 -13.15 9.58
N GLY A 124 7.87 -12.25 8.87
CA GLY A 124 7.62 -10.91 9.38
C GLY A 124 6.70 -10.13 8.45
N LEU A 125 6.00 -9.16 9.04
CA LEU A 125 5.04 -8.33 8.29
C LEU A 125 5.33 -6.85 8.47
N ILE A 126 5.32 -6.10 7.37
CA ILE A 126 5.57 -4.65 7.41
C ILE A 126 4.38 -3.89 6.80
N VAL A 127 3.83 -2.96 7.56
CA VAL A 127 2.70 -2.18 7.10
C VAL A 127 3.07 -0.69 7.12
N SER A 128 3.00 -0.04 5.98
CA SER A 128 3.33 1.37 5.92
C SER A 128 2.11 2.15 5.42
N GLY A 129 1.60 3.03 6.28
CA GLY A 129 0.41 3.79 5.92
C GLY A 129 -0.77 2.87 5.65
N GLY A 130 -0.72 1.67 6.24
CA GLY A 130 -1.78 0.70 6.02
C GLY A 130 -3.02 0.88 6.87
N LEU A 131 -3.94 -0.07 6.79
CA LEU A 131 -5.17 0.04 7.54
C LEU A 131 -5.87 -1.31 7.68
N SER A 132 -6.61 -1.47 8.76
CA SER A 132 -7.38 -2.70 9.01
C SER A 132 -8.88 -2.38 8.85
N SER A 133 -9.19 -1.11 8.64
CA SER A 133 -10.58 -0.70 8.51
C SER A 133 -10.73 0.50 7.59
N VAL A 134 -11.45 0.32 6.50
CA VAL A 134 -11.65 1.42 5.56
C VAL A 134 -12.51 2.51 6.22
N PRO A 135 -13.60 2.12 6.91
CA PRO A 135 -14.46 3.12 7.55
C PRO A 135 -13.66 4.05 8.47
N LEU A 136 -12.79 3.48 9.31
CA LEU A 136 -11.97 4.29 10.21
C LEU A 136 -11.07 5.21 9.40
N THR A 137 -10.59 4.70 8.28
CA THR A 137 -9.72 5.46 7.42
C THR A 137 -10.51 6.63 6.86
N VAL A 138 -11.76 6.36 6.47
CA VAL A 138 -12.64 7.40 5.93
C VAL A 138 -12.85 8.51 6.96
N LYS A 139 -13.18 8.10 8.17
CA LYS A 139 -13.42 9.00 9.28
C LYS A 139 -12.23 9.94 9.50
N GLU A 140 -11.03 9.36 9.60
CA GLU A 140 -9.81 10.13 9.82
C GLU A 140 -9.53 11.09 8.66
N MET A 141 -9.78 10.65 7.43
CA MET A 141 -9.55 11.51 6.28
C MET A 141 -10.51 12.69 6.25
N ASN A 142 -11.76 12.46 6.64
CA ASN A 142 -12.73 13.54 6.68
C ASN A 142 -12.21 14.58 7.68
N ARG A 143 -11.57 14.13 8.74
CA ARG A 143 -11.03 15.07 9.72
C ARG A 143 -9.94 15.90 9.05
N LEU A 144 -9.07 15.24 8.30
CA LEU A 144 -7.98 15.93 7.62
C LEU A 144 -8.57 16.97 6.66
N ILE A 145 -9.64 16.58 5.97
CA ILE A 145 -10.29 17.50 5.04
C ILE A 145 -10.87 18.71 5.76
N ASP A 146 -11.41 18.50 6.96
CA ASP A 146 -11.95 19.59 7.75
C ASP A 146 -10.86 20.58 8.19
N GLU A 147 -9.64 20.07 8.35
CA GLU A 147 -8.51 20.90 8.77
C GLU A 147 -7.95 21.73 7.63
N LEU A 148 -8.43 21.47 6.42
CA LEU A 148 -8.00 22.19 5.23
C LEU A 148 -8.63 23.58 5.16
N PRO A 149 -7.99 24.51 4.43
CA PRO A 149 -8.58 25.85 4.33
C PRO A 149 -9.98 25.77 3.71
N ALA A 150 -10.90 26.55 4.28
CA ALA A 150 -12.28 26.60 3.84
C ALA A 150 -12.51 26.45 2.34
N LYS A 151 -11.74 27.17 1.53
CA LYS A 151 -11.91 27.11 0.09
C LYS A 151 -11.88 25.68 -0.47
N TYR A 152 -10.80 24.97 -0.16
CA TYR A 152 -10.61 23.61 -0.62
C TYR A 152 -11.53 22.64 0.09
N ARG A 153 -11.79 22.91 1.36
CA ARG A 153 -12.67 22.09 2.18
C ARG A 153 -14.10 22.18 1.66
N ASP A 154 -14.47 23.33 1.11
CA ASP A 154 -15.82 23.53 0.60
C ASP A 154 -15.99 22.99 -0.82
N ALA A 155 -14.91 23.01 -1.58
CA ALA A 155 -14.97 22.52 -2.95
C ALA A 155 -15.12 21.00 -2.91
N ILE A 156 -14.60 20.38 -1.87
CA ILE A 156 -14.66 18.92 -1.73
C ILE A 156 -16.10 18.48 -1.45
N LYS A 157 -16.74 19.15 -0.50
CA LYS A 157 -18.10 18.83 -0.14
C LYS A 157 -19.07 19.29 -1.24
N LYS A 158 -18.79 20.47 -1.79
CA LYS A 158 -19.64 21.03 -2.84
C LYS A 158 -19.62 20.18 -4.12
N TYR A 159 -18.46 20.12 -4.77
CA TYR A 159 -18.35 19.36 -6.01
C TYR A 159 -18.28 17.85 -5.78
N GLY A 160 -17.85 17.45 -4.59
CA GLY A 160 -17.77 16.04 -4.29
C GLY A 160 -19.16 15.43 -4.10
N SER A 161 -20.12 16.21 -3.62
CA SER A 161 -21.49 15.72 -3.41
C SER A 161 -22.27 15.59 -4.72
N SER A 162 -21.84 16.30 -5.75
CA SER A 162 -22.51 16.26 -7.04
C SER A 162 -21.73 15.39 -8.02
N GLY A 163 -20.64 14.81 -7.54
CA GLY A 163 -19.81 13.95 -8.38
C GLY A 163 -19.04 14.72 -9.43
N SER A 164 -18.80 15.99 -9.18
CA SER A 164 -18.05 16.83 -10.12
C SER A 164 -16.57 16.77 -9.79
N TYR A 165 -16.01 15.55 -9.85
CA TYR A 165 -14.61 15.33 -9.54
C TYR A 165 -13.70 15.96 -10.59
N GLU A 166 -14.28 16.30 -11.73
CA GLU A 166 -13.51 16.90 -12.81
C GLU A 166 -13.41 18.41 -12.65
N ASN A 167 -14.25 18.97 -11.78
CA ASN A 167 -14.24 20.41 -11.54
C ASN A 167 -12.83 20.91 -11.22
N PRO A 168 -12.44 22.05 -11.80
CA PRO A 168 -11.11 22.64 -11.59
C PRO A 168 -10.82 23.04 -10.15
N GLU A 169 -11.85 23.49 -9.42
CA GLU A 169 -11.65 23.89 -8.03
C GLU A 169 -11.48 22.67 -7.14
N TYR A 170 -12.19 21.59 -7.50
CA TYR A 170 -12.15 20.36 -6.74
C TYR A 170 -10.77 19.73 -6.90
N GLN A 171 -10.33 19.62 -8.16
CA GLN A 171 -9.04 19.03 -8.49
C GLN A 171 -7.92 19.81 -7.82
N GLU A 172 -8.18 21.09 -7.55
CA GLU A 172 -7.21 21.93 -6.90
C GLU A 172 -7.15 21.57 -5.42
N ALA A 173 -8.30 21.21 -4.87
CA ALA A 173 -8.36 20.82 -3.47
C ALA A 173 -7.67 19.46 -3.29
N VAL A 174 -7.83 18.61 -4.30
CA VAL A 174 -7.23 17.28 -4.28
C VAL A 174 -5.70 17.36 -4.28
N ASN A 175 -5.16 18.19 -5.18
CA ASN A 175 -3.72 18.36 -5.26
C ASN A 175 -3.16 18.93 -3.96
N TYR A 176 -3.87 19.88 -3.37
CA TYR A 176 -3.42 20.49 -2.12
C TYR A 176 -3.30 19.40 -1.06
N PHE A 177 -4.39 18.64 -0.90
CA PHE A 177 -4.46 17.54 0.06
C PHE A 177 -3.33 16.55 -0.17
N TYR A 178 -3.07 16.20 -1.42
CA TYR A 178 -2.00 15.26 -1.76
C TYR A 178 -0.61 15.77 -1.38
N HIS A 179 -0.33 17.03 -1.72
CA HIS A 179 0.94 17.64 -1.40
C HIS A 179 1.08 17.82 0.11
N GLN A 180 0.00 17.53 0.81
CA GLN A 180 0.00 17.65 2.26
C GLN A 180 -0.02 16.28 2.97
N HIS A 181 -0.72 15.31 2.39
CA HIS A 181 -0.87 13.99 3.03
C HIS A 181 -0.46 12.78 2.21
N LEU A 182 -0.16 12.99 0.93
CA LEU A 182 0.25 11.89 0.08
C LEU A 182 1.77 11.94 -0.10
N LEU A 183 2.27 13.08 -0.56
CA LEU A 183 3.69 13.26 -0.77
C LEU A 183 3.95 14.75 -0.52
N ARG A 184 4.66 15.06 0.56
CA ARG A 184 4.97 16.44 0.92
C ARG A 184 6.19 16.93 0.14
N SER A 185 6.10 16.87 -1.18
CA SER A 185 7.19 17.33 -2.01
C SER A 185 6.66 17.97 -3.29
N GLU A 186 7.41 18.91 -3.83
CA GLU A 186 7.01 19.60 -5.04
C GLU A 186 7.48 18.88 -6.29
N ASP A 187 8.63 18.21 -6.20
CA ASP A 187 9.18 17.48 -7.32
C ASP A 187 9.00 15.96 -7.15
N TRP A 188 7.81 15.47 -7.50
CA TRP A 188 7.49 14.05 -7.40
C TRP A 188 8.28 13.20 -8.38
N PRO A 189 8.75 12.03 -7.94
CA PRO A 189 9.51 11.10 -8.77
C PRO A 189 8.68 10.43 -9.84
N PRO A 190 9.30 10.10 -10.98
CA PRO A 190 8.61 9.45 -12.10
C PRO A 190 7.89 8.17 -11.69
N GLU A 191 8.50 7.41 -10.78
CA GLU A 191 7.93 6.17 -10.29
C GLU A 191 6.56 6.38 -9.65
N VAL A 192 6.44 7.38 -8.79
CA VAL A 192 5.16 7.66 -8.15
C VAL A 192 4.14 8.07 -9.21
N LEU A 193 4.52 9.02 -10.05
CA LEU A 193 3.66 9.51 -11.11
C LEU A 193 3.19 8.38 -12.03
N LYS A 194 4.03 7.39 -12.24
CA LYS A 194 3.64 6.28 -13.11
C LYS A 194 2.56 5.40 -12.46
N SER A 195 2.61 5.29 -11.12
CA SER A 195 1.62 4.51 -10.39
C SER A 195 0.30 5.27 -10.42
N LEU A 196 0.39 6.59 -10.30
CA LEU A 196 -0.79 7.44 -10.30
C LEU A 196 -1.49 7.34 -11.66
N GLU A 197 -0.68 7.40 -12.71
CA GLU A 197 -1.18 7.31 -14.08
C GLU A 197 -1.82 5.94 -14.30
N TYR A 198 -1.18 4.90 -13.76
CA TYR A 198 -1.73 3.55 -13.91
C TYR A 198 -3.10 3.44 -13.25
N ALA A 199 -3.25 4.07 -12.08
CA ALA A 199 -4.51 4.05 -11.35
C ALA A 199 -5.63 4.63 -12.19
N GLU A 200 -5.35 5.77 -12.82
CA GLU A 200 -6.32 6.45 -13.68
C GLU A 200 -6.64 5.67 -14.95
N ARG A 201 -5.61 5.12 -15.59
CA ARG A 201 -5.77 4.40 -16.84
C ARG A 201 -6.42 3.02 -16.77
N ARG A 202 -6.32 2.34 -15.63
CA ARG A 202 -6.93 1.02 -15.51
C ARG A 202 -8.33 1.15 -14.91
N ASN A 203 -8.92 0.03 -14.49
CA ASN A 203 -10.27 0.08 -13.93
C ASN A 203 -10.39 -0.30 -12.45
N VAL A 204 -9.33 -0.87 -11.88
CA VAL A 204 -9.35 -1.31 -10.47
C VAL A 204 -9.59 -0.18 -9.47
N TYR A 205 -8.82 0.90 -9.58
CA TYR A 205 -8.97 2.04 -8.68
C TYR A 205 -10.42 2.56 -8.68
N ARG A 206 -10.92 2.88 -9.87
CA ARG A 206 -12.29 3.37 -10.03
C ARG A 206 -13.34 2.47 -9.36
N ILE A 207 -13.31 1.17 -9.65
CA ILE A 207 -14.26 0.25 -9.05
C ILE A 207 -14.05 -0.04 -7.55
N MET A 208 -12.85 -0.49 -7.16
CA MET A 208 -12.57 -0.86 -5.76
C MET A 208 -12.36 0.29 -4.77
N ASN A 209 -11.71 1.35 -5.22
CA ASN A 209 -11.44 2.47 -4.34
C ASN A 209 -12.43 3.62 -4.46
N GLY A 210 -12.42 4.28 -5.61
CA GLY A 210 -13.27 5.42 -5.82
C GLY A 210 -12.53 6.44 -6.66
N PRO A 211 -13.04 7.68 -6.75
CA PRO A 211 -12.43 8.76 -7.53
C PRO A 211 -11.00 9.08 -7.14
N ASN A 212 -10.77 9.34 -5.85
CA ASN A 212 -9.44 9.69 -5.37
C ASN A 212 -9.13 9.09 -4.01
N GLU A 213 -7.97 9.47 -3.47
CA GLU A 213 -7.50 8.98 -2.18
C GLU A 213 -8.47 9.13 -1.02
N PHE A 214 -9.09 10.29 -0.90
CA PHE A 214 -10.02 10.55 0.19
C PHE A 214 -11.51 10.39 -0.13
N THR A 215 -11.84 9.77 -1.26
CA THR A 215 -13.23 9.55 -1.66
C THR A 215 -13.44 8.05 -1.93
N ILE A 216 -13.60 7.28 -0.87
CA ILE A 216 -13.74 5.84 -0.98
C ILE A 216 -15.16 5.37 -1.16
N THR A 217 -15.65 5.47 -2.38
CA THR A 217 -17.01 5.05 -2.67
C THR A 217 -17.01 3.72 -3.42
N GLY A 218 -15.83 3.08 -3.43
CA GLY A 218 -15.64 1.82 -4.12
C GLY A 218 -16.20 0.63 -3.35
N THR A 219 -15.98 -0.58 -3.88
CA THR A 219 -16.51 -1.80 -3.25
C THR A 219 -15.85 -2.22 -1.94
N ILE A 220 -14.79 -1.54 -1.53
CA ILE A 220 -14.11 -1.91 -0.28
C ILE A 220 -14.46 -0.95 0.84
N LYS A 221 -15.38 -0.03 0.59
CA LYS A 221 -15.77 0.97 1.60
C LYS A 221 -16.23 0.44 2.97
N ASP A 222 -16.69 -0.80 3.02
CA ASP A 222 -17.18 -1.39 4.28
C ASP A 222 -16.21 -2.39 4.90
N TRP A 223 -15.15 -2.71 4.18
CA TRP A 223 -14.15 -3.66 4.65
C TRP A 223 -13.55 -3.24 5.98
N ASP A 224 -13.51 -4.19 6.91
CA ASP A 224 -12.96 -3.95 8.24
C ASP A 224 -12.65 -5.27 8.92
N ILE A 225 -11.35 -5.58 9.02
CA ILE A 225 -10.90 -6.81 9.64
C ILE A 225 -10.10 -6.55 10.92
N THR A 226 -10.34 -5.41 11.56
CA THR A 226 -9.64 -5.03 12.78
C THR A 226 -9.72 -6.13 13.81
N ASP A 227 -10.88 -6.78 13.85
CA ASP A 227 -11.14 -7.87 14.79
C ASP A 227 -10.33 -9.13 14.52
N LYS A 228 -10.05 -9.41 13.25
CA LYS A 228 -9.31 -10.60 12.88
C LYS A 228 -7.79 -10.48 13.00
N ILE A 229 -7.27 -9.30 12.69
CA ILE A 229 -5.83 -9.04 12.70
C ILE A 229 -5.13 -9.34 14.00
N SER A 230 -5.90 -9.54 15.06
CA SER A 230 -5.33 -9.86 16.37
C SER A 230 -4.66 -11.22 16.38
N ALA A 231 -4.93 -12.03 15.35
CA ALA A 231 -4.36 -13.37 15.25
C ALA A 231 -2.94 -13.36 14.70
N ILE A 232 -2.50 -12.21 14.21
CA ILE A 232 -1.15 -12.13 13.65
C ILE A 232 -0.11 -12.38 14.74
N LYS A 233 0.53 -13.54 14.67
CA LYS A 233 1.55 -13.92 15.64
C LYS A 233 2.97 -13.90 15.06
N ILE A 234 3.30 -12.86 14.30
CA ILE A 234 4.64 -12.79 13.72
C ILE A 234 5.21 -11.39 13.90
N PRO A 235 6.55 -11.26 13.83
CA PRO A 235 7.16 -9.93 14.00
C PRO A 235 6.53 -8.95 13.03
N THR A 236 5.96 -7.87 13.57
CA THR A 236 5.31 -6.88 12.75
C THR A 236 5.84 -5.47 12.95
N LEU A 237 6.09 -4.80 11.83
CA LEU A 237 6.60 -3.45 11.85
C LEU A 237 5.53 -2.58 11.25
N ILE A 238 5.18 -1.51 11.94
CA ILE A 238 4.16 -0.60 11.45
C ILE A 238 4.74 0.80 11.33
N THR A 239 4.70 1.39 10.13
CA THR A 239 5.22 2.75 9.96
C THR A 239 4.09 3.63 9.44
N VAL A 240 4.14 4.90 9.79
CA VAL A 240 3.14 5.83 9.33
C VAL A 240 3.73 7.22 9.32
N GLY A 241 3.37 8.00 8.30
CA GLY A 241 3.86 9.36 8.21
C GLY A 241 3.15 10.24 9.23
N GLU A 242 3.87 11.25 9.72
CA GLU A 242 3.31 12.19 10.68
C GLU A 242 2.01 12.80 10.13
N TYR A 243 2.07 13.23 8.86
CA TYR A 243 0.93 13.85 8.18
C TYR A 243 0.32 12.90 7.15
N ASP A 244 0.51 11.61 7.37
CA ASP A 244 -0.01 10.56 6.48
C ASP A 244 -1.52 10.64 6.27
N GLU A 245 -1.97 10.51 5.03
CA GLU A 245 -3.40 10.54 4.73
C GLU A 245 -4.12 9.42 5.52
N VAL A 246 -3.39 8.34 5.79
CA VAL A 246 -3.94 7.24 6.60
C VAL A 246 -3.27 7.45 7.96
N THR A 247 -3.83 8.38 8.71
CA THR A 247 -3.33 8.82 10.01
C THR A 247 -2.76 7.80 10.96
N PRO A 248 -1.89 8.27 11.87
CA PRO A 248 -1.27 7.37 12.85
C PRO A 248 -2.34 6.79 13.75
N ASN A 249 -3.51 7.40 13.75
CA ASN A 249 -4.62 6.89 14.56
C ASN A 249 -5.03 5.54 13.98
N VAL A 250 -5.06 5.46 12.66
CA VAL A 250 -5.39 4.22 11.96
C VAL A 250 -4.24 3.24 12.17
N ALA A 251 -3.02 3.74 12.04
CA ALA A 251 -1.82 2.92 12.25
C ALA A 251 -1.85 2.37 13.66
N ARG A 252 -2.23 3.22 14.61
CA ARG A 252 -2.29 2.82 16.01
C ARG A 252 -3.19 1.61 16.25
N VAL A 253 -4.38 1.65 15.68
CA VAL A 253 -5.37 0.59 15.82
C VAL A 253 -4.78 -0.75 15.43
N ILE A 254 -3.91 -0.75 14.40
CA ILE A 254 -3.29 -1.98 13.96
C ILE A 254 -2.22 -2.36 14.98
N HIS A 255 -1.57 -1.34 15.53
CA HIS A 255 -0.50 -1.55 16.52
C HIS A 255 -1.06 -2.14 17.81
N GLU A 256 -2.27 -1.74 18.18
CA GLU A 256 -2.90 -2.25 19.40
C GLU A 256 -3.27 -3.72 19.26
N LYS A 257 -3.58 -4.12 18.02
CA LYS A 257 -4.00 -5.49 17.73
C LYS A 257 -2.91 -6.54 17.60
N ILE A 258 -1.78 -6.18 16.97
CA ILE A 258 -0.70 -7.14 16.81
C ILE A 258 0.29 -7.03 17.98
N ALA A 259 0.35 -8.09 18.79
CA ALA A 259 1.22 -8.14 19.97
C ALA A 259 2.68 -8.06 19.60
N GLY A 260 3.46 -7.34 20.40
CA GLY A 260 4.87 -7.21 20.09
C GLY A 260 5.18 -6.41 18.83
N SER A 261 4.16 -5.83 18.20
CA SER A 261 4.37 -5.03 16.99
C SER A 261 4.99 -3.69 17.33
N GLU A 262 5.74 -3.14 16.38
CA GLU A 262 6.40 -1.85 16.59
C GLU A 262 5.77 -0.78 15.71
N LEU A 263 5.65 0.43 16.23
CA LEU A 263 5.06 1.52 15.47
C LEU A 263 6.04 2.65 15.33
N HIS A 264 6.29 3.08 14.11
CA HIS A 264 7.25 4.16 13.90
C HIS A 264 6.59 5.26 13.10
N VAL A 265 6.45 6.43 13.74
CA VAL A 265 5.85 7.62 13.13
C VAL A 265 6.92 8.54 12.57
N PHE A 266 7.03 8.58 11.25
CA PHE A 266 8.02 9.42 10.60
C PHE A 266 7.66 10.90 10.64
N ARG A 267 8.58 11.69 11.14
CA ARG A 267 8.40 13.13 11.24
C ARG A 267 8.61 13.81 9.89
N ASP A 268 7.84 14.87 9.62
CA ASP A 268 7.96 15.61 8.37
C ASP A 268 7.51 14.76 7.17
N CYS A 269 6.98 13.57 7.42
CA CYS A 269 6.55 12.70 6.33
C CYS A 269 5.04 12.47 6.31
N SER A 270 4.53 12.07 5.15
CA SER A 270 3.10 11.80 4.97
C SER A 270 2.83 10.34 4.61
N HIS A 271 2.34 10.09 3.40
CA HIS A 271 2.03 8.72 2.99
C HIS A 271 3.18 7.98 2.34
N LEU A 272 3.79 8.59 1.33
CA LEU A 272 4.89 7.97 0.61
C LEU A 272 6.20 8.27 1.31
N THR A 273 6.34 7.74 2.51
CA THR A 273 7.54 7.92 3.33
C THR A 273 8.81 7.35 2.69
N MET A 274 8.65 6.51 1.66
CA MET A 274 9.81 5.90 1.00
C MET A 274 10.54 6.90 0.12
N TRP A 275 9.86 7.99 -0.20
CA TRP A 275 10.46 9.02 -1.03
C TRP A 275 10.76 10.30 -0.24
N GLU A 276 10.02 10.52 0.83
CA GLU A 276 10.19 11.70 1.67
C GLU A 276 11.41 11.51 2.57
N ASP A 277 11.62 10.27 3.01
CA ASP A 277 12.76 9.92 3.85
C ASP A 277 13.19 8.54 3.41
N ARG A 278 13.72 8.47 2.19
CA ARG A 278 14.16 7.21 1.58
C ARG A 278 15.17 6.42 2.41
N GLU A 279 16.23 7.09 2.85
CA GLU A 279 17.25 6.41 3.65
C GLU A 279 16.67 5.95 4.99
N GLY A 280 16.03 6.86 5.71
CA GLY A 280 15.45 6.52 7.00
C GLY A 280 14.47 5.37 6.87
N TYR A 281 13.62 5.44 5.86
CA TYR A 281 12.65 4.37 5.65
C TYR A 281 13.36 3.02 5.41
N ASN A 282 14.20 2.99 4.38
CA ASN A 282 14.92 1.75 4.04
C ASN A 282 15.81 1.28 5.20
N LYS A 283 16.43 2.21 5.92
CA LYS A 283 17.27 1.80 7.03
C LYS A 283 16.42 1.07 8.08
N LEU A 284 15.28 1.68 8.43
CA LEU A 284 14.37 1.10 9.40
C LEU A 284 13.91 -0.30 8.99
N LEU A 285 13.44 -0.43 7.74
CA LEU A 285 12.99 -1.76 7.26
C LEU A 285 14.13 -2.75 7.22
N SER A 286 15.30 -2.26 6.80
CA SER A 286 16.50 -3.10 6.72
C SER A 286 16.83 -3.65 8.11
N ASP A 287 16.84 -2.76 9.11
CA ASP A 287 17.15 -3.19 10.46
C ASP A 287 16.11 -4.17 10.99
N PHE A 288 14.83 -3.86 10.76
CA PHE A 288 13.77 -4.74 11.22
C PHE A 288 13.90 -6.14 10.62
N ILE A 289 14.13 -6.20 9.32
CA ILE A 289 14.27 -7.48 8.65
C ILE A 289 15.48 -8.28 9.12
N LEU A 290 16.65 -7.62 9.13
CA LEU A 290 17.90 -8.25 9.55
C LEU A 290 17.91 -8.75 11.02
N LYS A 291 17.06 -8.18 11.86
CA LYS A 291 17.05 -8.64 13.25
C LYS A 291 15.94 -9.63 13.50
N HIS A 292 15.39 -10.19 12.41
CA HIS A 292 14.31 -11.16 12.50
C HIS A 292 14.43 -12.30 11.50
N LEU A 293 15.65 -12.72 11.21
CA LEU A 293 15.87 -13.82 10.28
C LEU A 293 15.40 -15.15 10.88
#